data_6RGR
#
_entry.id   6RGR
#
_cell.length_a   80.499
_cell.length_b   80.499
_cell.length_c   113.413
_cell.angle_alpha   90.00
_cell.angle_beta   90.00
_cell.angle_gamma   120.00
#
_symmetry.space_group_name_H-M   'P 31 2 1'
#
loop_
_entity.id
_entity.type
_entity.pdbx_description
1 polymer 'Lectin PHL'
2 non-polymer 1,2-ETHANEDIOL
3 non-polymer beta-L-rhamnopyranose
4 non-polymer 'SODIUM ION'
5 non-polymer 'CHLORIDE ION'
6 water water
#
_entity_poly.entity_id   1
_entity_poly.type   'polypeptide(L)'
_entity_poly.pdbx_seq_one_letter_code
;MQPINTSNPDNTASYVKDEVEITSSTIALSEIVSVVNTSDGRLEVFGVGTDKAVWHNRQMAPHTGSPWSGWSSLKGQVTS
KPVVYINTDGRLEVFARGTDNALWHIWQTATNAGWSNWQSLGGVITSNPAIYANTDGRLEVFARGADNALWHISQTTAHS
GPWSSWASLNGVITSNPTVHINSDGRLEVFARGTDNALWHIWQTAPDSNLWSSWESLNGIITSDPVVIDTADGRLEVFAR
GADNALWHIWQTISHSGPWSGWQSLNGVITSAPAVAKNCDNRLEAFARGTDNALWHTWQTVSHSGPWSSWQSLNGVITSA
PTAVRDADGRLEVFARGTDNALWLTWQTASSWSPWISLGGVLIDASAIK
;
_entity_poly.pdbx_strand_id   A
#
loop_
_chem_comp.id
_chem_comp.type
_chem_comp.name
_chem_comp.formula
CL non-polymer 'CHLORIDE ION' 'Cl -1'
EDO non-polymer 1,2-ETHANEDIOL 'C2 H6 O2'
NA non-polymer 'SODIUM ION' 'Na 1'
RM4 L-saccharide, beta linking beta-L-rhamnopyranose 'C6 H12 O5'
#
# COMPACT_ATOMS: atom_id res chain seq x y z
N THR A 26 -12.26 14.29 -0.08
CA THR A 26 -10.87 14.27 -0.61
C THR A 26 -9.89 13.72 0.44
N ILE A 27 -8.66 13.43 0.03
CA ILE A 27 -7.60 12.76 0.85
C ILE A 27 -6.25 13.38 0.48
N ALA A 28 -5.27 13.32 1.37
CA ALA A 28 -3.88 13.75 1.11
C ALA A 28 -3.37 13.08 -0.17
N LEU A 29 -2.44 13.73 -0.87
CA LEU A 29 -1.89 13.24 -2.16
C LEU A 29 -1.40 11.80 -1.99
N SER A 30 -1.80 10.90 -2.89
CA SER A 30 -1.58 9.43 -2.85
C SER A 30 -0.15 9.03 -3.27
N GLU A 31 0.24 7.82 -2.89
CA GLU A 31 1.41 7.10 -3.49
C GLU A 31 1.11 6.91 -4.99
N ILE A 32 2.15 7.00 -5.82
CA ILE A 32 2.08 6.98 -7.31
C ILE A 32 2.42 5.57 -7.85
N VAL A 33 3.05 4.72 -7.04
CA VAL A 33 3.47 3.36 -7.48
C VAL A 33 3.08 2.33 -6.42
N SER A 34 2.89 1.09 -6.86
CA SER A 34 2.85 -0.11 -6.00
C SER A 34 4.18 -0.84 -6.14
N VAL A 35 4.77 -1.27 -5.03
CA VAL A 35 6.10 -1.94 -5.02
C VAL A 35 6.00 -3.26 -4.25
N VAL A 36 6.79 -4.24 -4.69
CA VAL A 36 6.86 -5.59 -4.07
C VAL A 36 8.33 -6.05 -4.08
N ASN A 37 8.71 -6.80 -3.05
CA ASN A 37 9.94 -7.64 -3.04
CA ASN A 37 9.91 -7.67 -3.00
C ASN A 37 9.56 -8.98 -3.70
N THR A 38 10.20 -9.30 -4.83
CA THR A 38 9.89 -10.52 -5.62
C THR A 38 10.32 -11.77 -4.84
N SER A 39 9.94 -12.94 -5.34
CA SER A 39 10.31 -14.26 -4.78
C SER A 39 11.83 -14.40 -4.76
N ASP A 40 12.56 -13.69 -5.63
CA ASP A 40 14.04 -13.76 -5.73
C ASP A 40 14.65 -12.45 -5.20
N GLY A 41 13.93 -11.68 -4.37
CA GLY A 41 14.49 -10.61 -3.53
C GLY A 41 14.73 -9.30 -4.26
N ARG A 42 14.14 -9.09 -5.43
CA ARG A 42 14.28 -7.84 -6.23
C ARG A 42 13.06 -6.95 -6.02
N LEU A 43 13.26 -5.64 -5.97
CA LEU A 43 12.15 -4.64 -5.99
C LEU A 43 11.60 -4.55 -7.42
N GLU A 44 10.27 -4.60 -7.57
CA GLU A 44 9.55 -4.26 -8.82
C GLU A 44 8.46 -3.25 -8.51
N VAL A 45 8.37 -2.16 -9.29
CA VAL A 45 7.39 -1.06 -9.09
C VAL A 45 6.39 -1.05 -10.24
N PHE A 46 5.17 -0.64 -9.92
CA PHE A 46 4.02 -0.60 -10.87
C PHE A 46 3.37 0.77 -10.72
N GLY A 47 3.23 1.47 -11.86
CA GLY A 47 2.58 2.79 -11.93
C GLY A 47 1.74 2.89 -13.19
N VAL A 48 1.29 4.11 -13.50
CA VAL A 48 0.37 4.38 -14.64
C VAL A 48 0.95 5.52 -15.47
N GLY A 49 0.98 5.37 -16.79
CA GLY A 49 1.44 6.39 -17.75
C GLY A 49 0.31 7.27 -18.22
N THR A 50 0.61 8.27 -19.05
CA THR A 50 -0.37 9.24 -19.61
C THR A 50 -1.39 8.47 -20.46
N ASP A 51 -0.98 7.31 -20.99
CA ASP A 51 -1.80 6.41 -21.84
C ASP A 51 -2.76 5.54 -20.99
N LYS A 52 -2.68 5.59 -19.66
CA LYS A 52 -3.53 4.83 -18.71
C LYS A 52 -3.11 3.34 -18.68
N ALA A 53 -1.99 2.98 -19.32
CA ALA A 53 -1.41 1.63 -19.24
C ALA A 53 -0.66 1.48 -17.90
N VAL A 54 -0.55 0.25 -17.42
CA VAL A 54 0.30 -0.07 -16.24
C VAL A 54 1.72 -0.26 -16.77
N TRP A 55 2.67 0.47 -16.21
CA TRP A 55 4.11 0.32 -16.50
C TRP A 55 4.81 -0.27 -15.27
N HIS A 56 5.95 -0.89 -15.53
CA HIS A 56 6.63 -1.88 -14.66
C HIS A 56 8.13 -1.58 -14.69
N ASN A 57 8.79 -1.40 -13.54
CA ASN A 57 10.27 -1.24 -13.43
C ASN A 57 10.81 -2.23 -12.41
N ARG A 58 11.95 -2.87 -12.71
CA ARG A 58 12.49 -4.03 -11.95
C ARG A 58 13.98 -3.83 -11.68
N GLN A 59 14.40 -4.10 -10.44
CA GLN A 59 15.84 -4.27 -10.11
C GLN A 59 16.33 -5.49 -10.87
N MET A 60 17.53 -5.42 -11.42
CA MET A 60 18.20 -6.57 -12.07
C MET A 60 18.67 -7.56 -11.00
N ALA A 61 19.16 -7.04 -9.88
CA ALA A 61 19.87 -7.80 -8.81
C ALA A 61 19.25 -7.50 -7.45
N PRO A 62 19.29 -8.47 -6.53
CA PRO A 62 18.66 -8.31 -5.20
C PRO A 62 19.56 -7.56 -4.21
N HIS A 63 19.85 -6.28 -4.50
CA HIS A 63 20.76 -5.42 -3.72
C HIS A 63 20.37 -3.94 -3.86
N THR A 64 20.67 -3.17 -2.83
CA THR A 64 20.55 -1.69 -2.82
C THR A 64 21.42 -1.13 -3.94
N GLY A 65 20.88 -0.22 -4.75
CA GLY A 65 21.63 0.48 -5.82
C GLY A 65 21.76 -0.37 -7.06
N SER A 66 20.96 -1.45 -7.17
CA SER A 66 20.93 -2.36 -8.34
C SER A 66 20.53 -1.56 -9.58
N PRO A 67 21.07 -1.90 -10.76
CA PRO A 67 20.55 -1.33 -11.99
C PRO A 67 19.07 -1.69 -12.14
N TRP A 68 18.31 -0.83 -12.81
CA TRP A 68 16.87 -1.04 -13.11
C TRP A 68 16.68 -1.37 -14.59
N SER A 69 15.64 -2.16 -14.87
CA SER A 69 15.16 -2.56 -16.21
C SER A 69 14.89 -1.33 -17.08
N GLY A 70 14.41 -0.23 -16.49
CA GLY A 70 13.66 0.83 -17.18
C GLY A 70 12.19 0.42 -17.33
N TRP A 71 11.32 1.36 -17.67
CA TRP A 71 9.86 1.15 -17.71
C TRP A 71 9.50 0.32 -18.95
N SER A 72 8.72 -0.75 -18.74
CA SER A 72 8.06 -1.54 -19.80
C SER A 72 6.57 -1.65 -19.49
N SER A 73 5.75 -1.75 -20.54
CA SER A 73 4.27 -1.70 -20.47
C SER A 73 3.71 -3.10 -20.23
N LEU A 74 2.83 -3.24 -19.24
CA LEU A 74 1.93 -4.42 -19.09
C LEU A 74 0.60 -4.12 -19.79
N LYS A 75 0.50 -2.96 -20.43
CA LYS A 75 -0.70 -2.54 -21.22
C LYS A 75 -1.88 -2.36 -20.27
N GLY A 76 -3.09 -2.67 -20.74
CA GLY A 76 -4.35 -2.40 -20.04
C GLY A 76 -4.71 -0.93 -20.09
N GLN A 77 -5.86 -0.59 -19.52
CA GLN A 77 -6.42 0.78 -19.41
C GLN A 77 -7.08 0.86 -18.03
N VAL A 78 -6.48 1.61 -17.12
CA VAL A 78 -6.84 1.53 -15.67
C VAL A 78 -7.37 2.90 -15.21
N THR A 79 -8.34 2.85 -14.32
CA THR A 79 -9.02 4.01 -13.69
C THR A 79 -8.84 3.92 -12.17
N SER A 80 -7.83 3.18 -11.71
CA SER A 80 -7.36 3.16 -10.29
C SER A 80 -5.84 3.03 -10.27
N LYS A 81 -5.25 3.26 -9.09
CA LYS A 81 -3.87 2.84 -8.77
C LYS A 81 -3.78 1.33 -9.01
N PRO A 82 -2.73 0.86 -9.73
CA PRO A 82 -2.52 -0.57 -9.95
C PRO A 82 -1.80 -1.13 -8.72
N VAL A 83 -2.27 -2.27 -8.19
CA VAL A 83 -1.76 -2.79 -6.89
C VAL A 83 -1.25 -4.21 -7.13
N VAL A 84 0.05 -4.39 -6.90
CA VAL A 84 0.73 -5.71 -7.06
C VAL A 84 0.65 -6.42 -5.70
N TYR A 85 0.42 -7.72 -5.73
CA TYR A 85 0.53 -8.62 -4.56
C TYR A 85 1.23 -9.90 -5.00
N ILE A 86 1.98 -10.54 -4.10
CA ILE A 86 2.72 -11.80 -4.42
C ILE A 86 1.90 -12.97 -3.88
N ASN A 87 1.50 -13.88 -4.77
CA ASN A 87 0.82 -15.14 -4.41
C ASN A 87 1.75 -15.94 -3.48
N THR A 88 1.20 -16.90 -2.73
CA THR A 88 1.99 -17.78 -1.81
C THR A 88 2.87 -18.74 -2.63
N ASP A 89 2.70 -18.83 -3.95
CA ASP A 89 3.62 -19.60 -4.83
C ASP A 89 4.63 -18.66 -5.50
N GLY A 90 4.74 -17.40 -5.05
CA GLY A 90 5.74 -16.42 -5.54
C GLY A 90 5.36 -15.72 -6.82
N ARG A 91 4.20 -16.01 -7.43
CA ARG A 91 3.75 -15.34 -8.67
C ARG A 91 3.18 -13.97 -8.33
N LEU A 92 3.68 -12.91 -8.98
CA LEU A 92 3.10 -11.55 -8.89
C LEU A 92 1.72 -11.53 -9.57
N GLU A 93 0.83 -10.71 -9.03
CA GLU A 93 -0.52 -10.48 -9.59
C GLU A 93 -0.86 -9.02 -9.33
N VAL A 94 -1.31 -8.33 -10.37
CA VAL A 94 -1.58 -6.87 -10.34
C VAL A 94 -3.08 -6.69 -10.53
N PHE A 95 -3.68 -5.88 -9.66
CA PHE A 95 -5.13 -5.59 -9.64
C PHE A 95 -5.32 -4.10 -9.92
N ALA A 96 -6.31 -3.77 -10.74
CA ALA A 96 -6.68 -2.39 -11.12
C ALA A 96 -8.15 -2.29 -11.53
N ARG A 97 -8.78 -1.15 -11.28
CA ARG A 97 -10.09 -0.84 -11.91
C ARG A 97 -9.85 -0.59 -13.41
N GLY A 98 -10.70 -1.17 -14.26
CA GLY A 98 -10.74 -0.92 -15.72
C GLY A 98 -11.55 0.32 -16.06
N THR A 99 -11.64 0.64 -17.35
CA THR A 99 -12.41 1.79 -17.88
C THR A 99 -13.90 1.50 -17.72
N ASP A 100 -14.29 0.22 -17.58
CA ASP A 100 -15.70 -0.24 -17.37
C ASP A 100 -16.02 -0.31 -15.87
N ASN A 101 -15.10 0.11 -15.00
CA ASN A 101 -15.27 0.13 -13.51
C ASN A 101 -15.29 -1.29 -12.91
N ALA A 102 -14.96 -2.32 -13.69
CA ALA A 102 -14.81 -3.70 -13.19
C ALA A 102 -13.43 -3.85 -12.53
N LEU A 103 -13.27 -4.85 -11.67
CA LEU A 103 -11.93 -5.24 -11.17
C LEU A 103 -11.27 -6.06 -12.28
N TRP A 104 -10.07 -5.68 -12.67
CA TRP A 104 -9.25 -6.43 -13.66
C TRP A 104 -7.98 -6.92 -12.98
N HIS A 105 -7.39 -7.97 -13.52
CA HIS A 105 -6.10 -8.49 -13.02
C HIS A 105 -5.28 -9.12 -14.14
N ILE A 106 -3.99 -9.16 -13.86
CA ILE A 106 -2.94 -9.78 -14.72
C ILE A 106 -1.95 -10.43 -13.76
N TRP A 107 -1.44 -11.61 -14.11
CA TRP A 107 -0.59 -12.42 -13.22
C TRP A 107 0.55 -13.06 -14.01
N GLN A 108 1.67 -13.31 -13.33
CA GLN A 108 2.75 -14.17 -13.85
C GLN A 108 2.21 -15.60 -13.99
N THR A 109 2.48 -16.25 -15.11
CA THR A 109 1.99 -17.63 -15.43
C THR A 109 2.88 -18.64 -14.73
N ALA A 110 4.14 -18.26 -14.52
CA ALA A 110 5.10 -18.96 -13.67
C ALA A 110 5.94 -17.93 -12.91
N THR A 111 6.48 -18.32 -11.77
CA THR A 111 7.27 -17.44 -10.86
C THR A 111 8.36 -16.71 -11.67
N ASN A 112 8.37 -15.37 -11.58
CA ASN A 112 9.30 -14.43 -12.27
C ASN A 112 9.54 -14.90 -13.71
N ALA A 113 8.48 -15.26 -14.42
CA ALA A 113 8.44 -15.47 -15.89
C ALA A 113 7.41 -14.52 -16.50
N GLY A 114 6.72 -14.94 -17.56
CA GLY A 114 5.84 -14.08 -18.37
C GLY A 114 4.49 -13.84 -17.71
N TRP A 115 3.73 -12.91 -18.28
CA TRP A 115 2.43 -12.43 -17.72
C TRP A 115 1.27 -12.97 -18.57
N SER A 116 0.14 -13.19 -17.91
CA SER A 116 -1.16 -13.49 -18.55
C SER A 116 -1.58 -12.25 -19.34
N ASN A 117 -2.72 -12.34 -20.03
CA ASN A 117 -3.49 -11.16 -20.51
C ASN A 117 -4.28 -10.61 -19.32
N TRP A 118 -4.65 -9.33 -19.39
CA TRP A 118 -5.63 -8.73 -18.45
C TRP A 118 -6.92 -9.52 -18.58
N GLN A 119 -7.51 -9.91 -17.46
CA GLN A 119 -8.83 -10.60 -17.42
C GLN A 119 -9.71 -9.86 -16.42
N SER A 120 -11.03 -9.89 -16.65
CA SER A 120 -11.99 -9.16 -15.80
C SER A 120 -12.45 -10.07 -14.67
N LEU A 121 -12.53 -9.55 -13.45
CA LEU A 121 -13.23 -10.21 -12.31
C LEU A 121 -14.58 -9.54 -12.12
N GLY A 122 -14.98 -8.67 -13.05
CA GLY A 122 -16.31 -8.03 -13.09
C GLY A 122 -16.54 -7.12 -11.90
N GLY A 123 -17.78 -7.05 -11.42
CA GLY A 123 -18.21 -6.07 -10.42
C GLY A 123 -18.14 -4.64 -10.91
N VAL A 124 -18.51 -3.70 -10.04
CA VAL A 124 -18.35 -2.24 -10.22
C VAL A 124 -17.72 -1.71 -8.94
N ILE A 125 -16.55 -1.09 -9.04
CA ILE A 125 -15.79 -0.65 -7.84
C ILE A 125 -15.50 0.83 -8.00
N THR A 126 -15.36 1.51 -6.86
CA THR A 126 -15.23 2.97 -6.72
C THR A 126 -14.03 3.30 -5.83
N SER A 127 -13.10 2.35 -5.68
CA SER A 127 -11.80 2.57 -4.99
C SER A 127 -10.66 1.81 -5.68
N ASN A 128 -9.42 2.13 -5.31
CA ASN A 128 -8.26 1.23 -5.54
C ASN A 128 -8.57 -0.11 -4.88
N PRO A 129 -8.13 -1.24 -5.45
CA PRO A 129 -8.31 -2.54 -4.82
C PRO A 129 -7.31 -2.69 -3.68
N ALA A 130 -7.66 -3.46 -2.65
CA ALA A 130 -6.78 -3.82 -1.51
C ALA A 130 -6.74 -5.34 -1.42
N ILE A 131 -5.55 -5.92 -1.29
CA ILE A 131 -5.33 -7.38 -1.45
C ILE A 131 -4.57 -7.92 -0.25
N TYR A 132 -4.95 -9.10 0.22
CA TYR A 132 -4.10 -9.92 1.12
C TYR A 132 -4.35 -11.40 0.82
N ALA A 133 -3.36 -12.24 1.14
CA ALA A 133 -3.51 -13.71 1.11
C ALA A 133 -4.05 -14.17 2.45
N ASN A 134 -5.11 -14.97 2.41
CA ASN A 134 -5.60 -15.76 3.56
C ASN A 134 -4.51 -16.78 3.96
N THR A 135 -4.62 -17.35 5.16
CA THR A 135 -3.64 -18.34 5.69
C THR A 135 -3.66 -19.60 4.82
N ASP A 136 -4.72 -19.78 4.03
CA ASP A 136 -4.88 -20.97 3.14
C ASP A 136 -4.39 -20.67 1.73
N GLY A 137 -3.72 -19.52 1.52
CA GLY A 137 -3.14 -19.09 0.24
C GLY A 137 -4.15 -18.49 -0.74
N ARG A 138 -5.43 -18.38 -0.38
CA ARG A 138 -6.46 -17.74 -1.24
C ARG A 138 -6.30 -16.22 -1.12
N LEU A 139 -5.98 -15.53 -2.23
CA LEU A 139 -6.01 -14.04 -2.30
C LEU A 139 -7.46 -13.56 -2.09
N GLU A 140 -7.62 -12.48 -1.35
CA GLU A 140 -8.93 -11.84 -1.15
C GLU A 140 -8.76 -10.36 -1.47
N VAL A 141 -9.63 -9.84 -2.34
CA VAL A 141 -9.55 -8.45 -2.83
C VAL A 141 -10.73 -7.65 -2.26
N PHE A 142 -10.44 -6.44 -1.79
CA PHE A 142 -11.40 -5.50 -1.16
C PHE A 142 -11.43 -4.21 -1.99
N ALA A 143 -12.62 -3.66 -2.22
CA ALA A 143 -12.81 -2.39 -2.96
C ALA A 143 -14.16 -1.79 -2.58
N ARG A 144 -14.26 -0.47 -2.58
CA ARG A 144 -15.55 0.24 -2.40
C ARG A 144 -16.42 -0.08 -3.62
N GLY A 145 -17.73 -0.15 -3.42
CA GLY A 145 -18.72 -0.38 -4.49
C GLY A 145 -19.48 0.89 -4.83
N ALA A 146 -20.40 0.80 -5.80
CA ALA A 146 -21.26 1.90 -6.29
C ALA A 146 -22.16 2.39 -5.15
N ASP A 147 -22.50 1.51 -4.20
CA ASP A 147 -23.31 1.83 -3.00
C ASP A 147 -22.42 2.39 -1.89
N ASN A 148 -21.13 2.63 -2.15
CA ASN A 148 -20.13 3.16 -1.19
C ASN A 148 -19.84 2.18 -0.04
N ALA A 149 -20.36 0.95 -0.08
CA ALA A 149 -20.04 -0.11 0.91
C ALA A 149 -18.72 -0.77 0.52
N LEU A 150 -18.15 -1.58 1.42
CA LEU A 150 -16.97 -2.43 1.14
C LEU A 150 -17.44 -3.74 0.51
N TRP A 151 -16.85 -4.12 -0.63
CA TRP A 151 -17.12 -5.40 -1.33
C TRP A 151 -15.83 -6.21 -1.37
N HIS A 152 -15.97 -7.52 -1.52
CA HIS A 152 -14.82 -8.46 -1.53
C HIS A 152 -15.10 -9.65 -2.43
N ILE A 153 -14.01 -10.20 -2.96
CA ILE A 153 -13.97 -11.37 -3.88
C ILE A 153 -12.68 -12.12 -3.54
N SER A 154 -12.68 -13.44 -3.67
CA SER A 154 -11.52 -14.30 -3.27
C SER A 154 -11.26 -15.39 -4.30
N GLN A 155 -10.00 -15.79 -4.43
CA GLN A 155 -9.61 -17.06 -5.10
C GLN A 155 -10.37 -18.20 -4.40
N THR A 156 -10.86 -19.20 -5.14
CA THR A 156 -11.59 -20.36 -4.56
C THR A 156 -10.59 -21.39 -4.04
N THR A 157 -9.37 -21.42 -4.56
CA THR A 157 -8.28 -22.33 -4.10
C THR A 157 -6.98 -21.54 -4.08
N ALA A 158 -5.96 -22.07 -3.40
CA ALA A 158 -4.70 -21.36 -3.11
C ALA A 158 -4.06 -20.87 -4.41
N HIS A 159 -3.70 -19.59 -4.48
CA HIS A 159 -2.94 -18.94 -5.59
C HIS A 159 -3.53 -19.36 -6.95
N SER A 160 -4.84 -19.32 -7.11
CA SER A 160 -5.47 -19.77 -8.37
C SER A 160 -6.93 -19.33 -8.50
N GLY A 161 -7.35 -19.09 -9.74
CA GLY A 161 -8.77 -19.04 -10.10
C GLY A 161 -9.35 -20.45 -10.11
N PRO A 162 -10.68 -20.59 -10.27
CA PRO A 162 -11.57 -19.44 -10.42
C PRO A 162 -11.80 -18.69 -9.10
N TRP A 163 -12.41 -17.52 -9.22
CA TRP A 163 -12.72 -16.60 -8.10
C TRP A 163 -14.16 -16.81 -7.64
N SER A 164 -14.45 -16.51 -6.38
CA SER A 164 -15.81 -16.53 -5.77
C SER A 164 -16.69 -15.52 -6.51
N SER A 165 -17.99 -15.49 -6.18
CA SER A 165 -18.88 -14.33 -6.45
C SER A 165 -18.46 -13.17 -5.54
N TRP A 166 -18.70 -11.94 -6.01
CA TRP A 166 -18.63 -10.71 -5.18
C TRP A 166 -19.69 -10.81 -4.10
N ALA A 167 -19.43 -10.15 -2.95
CA ALA A 167 -20.40 -9.92 -1.87
C ALA A 167 -19.98 -8.64 -1.14
N SER A 168 -20.87 -8.06 -0.35
CA SER A 168 -20.59 -6.80 0.38
C SER A 168 -20.32 -7.14 1.84
N LEU A 169 -19.40 -6.40 2.45
CA LEU A 169 -19.18 -6.32 3.92
C LEU A 169 -19.81 -5.03 4.45
N ASN A 170 -20.62 -4.35 3.62
CA ASN A 170 -21.47 -3.20 4.04
C ASN A 170 -20.56 -2.05 4.46
N GLY A 171 -21.02 -1.22 5.41
CA GLY A 171 -20.36 0.04 5.80
C GLY A 171 -20.53 1.13 4.76
N VAL A 172 -19.99 2.30 5.03
CA VAL A 172 -20.00 3.48 4.11
C VAL A 172 -18.61 4.11 4.19
N ILE A 173 -17.85 4.11 3.10
CA ILE A 173 -16.42 4.51 3.23
C ILE A 173 -16.08 5.64 2.25
N THR A 174 -15.20 6.51 2.73
CA THR A 174 -14.81 7.82 2.12
C THR A 174 -13.31 7.85 1.83
N SER A 175 -12.61 6.71 1.93
CA SER A 175 -11.17 6.61 1.58
C SER A 175 -10.97 5.28 0.84
N ASN A 176 -9.82 5.13 0.19
CA ASN A 176 -9.36 3.78 -0.24
C ASN A 176 -9.27 2.90 0.99
N PRO A 177 -9.74 1.63 0.90
CA PRO A 177 -9.60 0.67 1.98
C PRO A 177 -8.18 0.05 2.00
N THR A 178 -7.71 -0.37 3.18
CA THR A 178 -6.44 -1.13 3.30
C THR A 178 -6.72 -2.38 4.16
N VAL A 179 -6.14 -3.51 3.75
CA VAL A 179 -6.31 -4.82 4.44
C VAL A 179 -4.94 -5.26 4.97
N HIS A 180 -4.93 -5.92 6.12
CA HIS A 180 -3.72 -6.58 6.66
C HIS A 180 -4.19 -7.87 7.32
N ILE A 181 -3.24 -8.65 7.83
CA ILE A 181 -3.54 -9.91 8.53
C ILE A 181 -3.11 -9.77 9.99
N ASN A 182 -3.96 -10.25 10.88
CA ASN A 182 -3.60 -10.41 12.31
C ASN A 182 -2.59 -11.53 12.47
N SER A 183 -1.92 -11.55 13.61
CA SER A 183 -0.88 -12.53 14.01
C SER A 183 -1.51 -13.91 14.16
N ASP A 184 -2.85 -13.96 14.22
CA ASP A 184 -3.63 -15.22 14.32
C ASP A 184 -4.27 -15.57 12.96
N GLY A 185 -3.92 -14.88 11.88
CA GLY A 185 -4.35 -15.19 10.50
C GLY A 185 -5.68 -14.58 10.09
N ARG A 186 -6.32 -13.76 10.92
CA ARG A 186 -7.59 -13.08 10.57
C ARG A 186 -7.28 -11.80 9.79
N LEU A 187 -7.85 -11.67 8.58
CA LEU A 187 -7.81 -10.42 7.77
C LEU A 187 -8.59 -9.33 8.51
N GLU A 188 -8.12 -8.10 8.38
CA GLU A 188 -8.73 -6.89 8.97
C GLU A 188 -8.63 -5.73 7.97
N VAL A 189 -9.74 -5.03 7.74
CA VAL A 189 -9.82 -3.93 6.76
C VAL A 189 -10.11 -2.62 7.49
N PHE A 190 -9.42 -1.59 7.06
CA PHE A 190 -9.48 -0.19 7.58
C PHE A 190 -9.91 0.76 6.45
N ALA A 191 -10.77 1.72 6.76
CA ALA A 191 -11.21 2.74 5.78
C ALA A 191 -11.81 3.93 6.53
N ARG A 192 -11.72 5.12 5.94
CA ARG A 192 -12.38 6.31 6.51
C ARG A 192 -13.89 6.17 6.30
N GLY A 193 -14.67 6.60 7.30
CA GLY A 193 -16.15 6.65 7.25
C GLY A 193 -16.66 8.05 6.94
N THR A 194 -17.99 8.21 6.88
CA THR A 194 -18.67 9.46 6.46
C THR A 194 -18.47 10.54 7.54
N ASP A 195 -18.21 10.15 8.79
CA ASP A 195 -17.86 11.06 9.91
C ASP A 195 -16.36 11.36 9.94
N ASN A 196 -15.59 10.82 8.97
CA ASN A 196 -14.11 11.03 8.83
C ASN A 196 -13.31 10.37 9.95
N ALA A 197 -13.93 9.51 10.76
CA ALA A 197 -13.23 8.63 11.72
C ALA A 197 -12.59 7.47 10.94
N LEU A 198 -11.65 6.78 11.56
CA LEU A 198 -11.15 5.46 11.07
C LEU A 198 -12.10 4.38 11.57
N TRP A 199 -12.65 3.59 10.65
CA TRP A 199 -13.49 2.41 10.93
C TRP A 199 -12.73 1.14 10.51
N HIS A 200 -13.08 0.00 11.09
CA HIS A 200 -12.48 -1.31 10.72
C HIS A 200 -13.49 -2.43 10.87
N ILE A 201 -13.19 -3.54 10.21
CA ILE A 201 -13.96 -4.81 10.23
C ILE A 201 -12.94 -5.94 10.05
N TRP A 202 -13.21 -7.11 10.64
CA TRP A 202 -12.22 -8.22 10.67
C TRP A 202 -12.92 -9.55 10.47
N GLN A 203 -12.21 -10.53 9.90
CA GLN A 203 -12.62 -11.95 9.95
C GLN A 203 -12.69 -12.37 11.41
N THR A 204 -13.64 -13.23 11.76
CA THR A 204 -13.76 -13.81 13.13
C THR A 204 -12.98 -15.12 13.20
N ALA A 205 -12.56 -15.67 12.06
CA ALA A 205 -11.71 -16.88 11.95
C ALA A 205 -10.87 -16.77 10.68
N PRO A 206 -9.63 -17.29 10.66
CA PRO A 206 -8.83 -17.25 9.44
C PRO A 206 -9.60 -17.92 8.28
N ASP A 207 -9.41 -17.41 7.07
CA ASP A 207 -9.88 -18.03 5.81
C ASP A 207 -11.41 -17.93 5.70
N SER A 208 -12.06 -17.22 6.63
CA SER A 208 -13.53 -17.29 6.86
C SER A 208 -14.28 -16.35 5.91
N ASN A 209 -15.58 -16.61 5.71
CA ASN A 209 -16.54 -15.59 5.20
C ASN A 209 -17.34 -15.03 6.39
N LEU A 210 -16.89 -15.24 7.62
CA LEU A 210 -17.54 -14.71 8.86
C LEU A 210 -16.79 -13.44 9.28
N TRP A 211 -17.46 -12.28 9.25
CA TRP A 211 -16.83 -10.99 9.63
C TRP A 211 -17.54 -10.38 10.83
N SER A 212 -16.83 -9.55 11.57
CA SER A 212 -17.35 -8.68 12.66
C SER A 212 -18.29 -7.63 12.06
N SER A 213 -18.98 -6.89 12.92
CA SER A 213 -19.63 -5.61 12.54
C SER A 213 -18.52 -4.57 12.32
N TRP A 214 -18.77 -3.56 11.49
CA TRP A 214 -17.90 -2.35 11.43
C TRP A 214 -17.80 -1.75 12.83
N GLU A 215 -16.61 -1.30 13.24
CA GLU A 215 -16.41 -0.57 14.51
C GLU A 215 -15.59 0.68 14.23
N SER A 216 -15.81 1.73 15.02
CA SER A 216 -15.11 3.03 14.86
C SER A 216 -13.89 3.06 15.78
N LEU A 217 -12.75 3.49 15.25
CA LEU A 217 -11.54 3.81 16.06
C LEU A 217 -11.46 5.33 16.23
N ASN A 218 -12.56 6.04 15.92
CA ASN A 218 -12.69 7.49 16.16
C ASN A 218 -11.57 8.24 15.42
N GLY A 219 -11.08 9.33 15.98
CA GLY A 219 -10.16 10.27 15.31
C GLY A 219 -10.83 10.96 14.13
N ILE A 220 -10.06 11.83 13.48
CA ILE A 220 -10.43 12.52 12.20
C ILE A 220 -9.22 12.38 11.27
N ILE A 221 -9.39 11.74 10.11
CA ILE A 221 -8.24 11.49 9.19
C ILE A 221 -8.52 12.15 7.84
N THR A 222 -7.45 12.69 7.28
CA THR A 222 -7.38 13.49 6.03
C THR A 222 -6.44 12.83 5.04
N SER A 223 -6.13 11.54 5.25
CA SER A 223 -5.41 10.66 4.29
C SER A 223 -6.02 9.26 4.30
N ASP A 224 -5.77 8.48 3.26
CA ASP A 224 -5.90 7.01 3.31
C ASP A 224 -5.16 6.50 4.54
N PRO A 225 -5.72 5.50 5.26
CA PRO A 225 -4.99 4.85 6.33
C PRO A 225 -3.93 3.91 5.75
N VAL A 226 -2.78 3.83 6.42
CA VAL A 226 -1.69 2.84 6.16
C VAL A 226 -1.63 1.88 7.36
N VAL A 227 -1.58 0.58 7.11
CA VAL A 227 -1.52 -0.42 8.21
C VAL A 227 -0.27 -1.28 8.05
N ILE A 228 0.35 -1.64 9.16
CA ILE A 228 1.55 -2.52 9.18
C ILE A 228 1.46 -3.38 10.45
N ASP A 229 2.05 -4.57 10.41
CA ASP A 229 2.22 -5.48 11.56
C ASP A 229 3.55 -5.14 12.23
N THR A 230 3.54 -4.99 13.54
CA THR A 230 4.78 -4.78 14.35
C THR A 230 5.52 -6.11 14.47
N ALA A 231 6.79 -6.06 14.88
CA ALA A 231 7.61 -7.21 15.30
C ALA A 231 6.83 -8.10 16.27
N ASP A 232 5.99 -7.53 17.12
CA ASP A 232 5.29 -8.30 18.18
C ASP A 232 3.85 -8.63 17.74
N GLY A 233 3.58 -8.61 16.43
CA GLY A 233 2.33 -9.12 15.84
C GLY A 233 1.11 -8.26 16.15
N ARG A 234 1.27 -6.96 16.31
CA ARG A 234 0.13 -6.02 16.51
C ARG A 234 -0.08 -5.24 15.22
N LEU A 235 -1.32 -4.97 14.85
CA LEU A 235 -1.63 -4.01 13.75
C LEU A 235 -1.47 -2.60 14.32
N GLU A 236 -0.77 -1.75 13.57
CA GLU A 236 -0.59 -0.32 13.83
C GLU A 236 -1.00 0.46 12.58
N VAL A 237 -1.88 1.46 12.73
CA VAL A 237 -2.47 2.24 11.61
C VAL A 237 -1.93 3.66 11.69
N PHE A 238 -1.54 4.21 10.55
CA PHE A 238 -1.02 5.59 10.37
C PHE A 238 -1.94 6.36 9.42
N ALA A 239 -2.18 7.63 9.72
CA ALA A 239 -3.01 8.51 8.88
C ALA A 239 -2.69 9.97 9.18
N ARG A 240 -2.91 10.84 8.21
CA ARG A 240 -2.84 12.31 8.41
C ARG A 240 -4.10 12.73 9.17
N GLY A 241 -3.94 13.59 10.18
CA GLY A 241 -5.06 14.07 11.03
C GLY A 241 -5.60 15.41 10.55
N ALA A 242 -6.69 15.89 11.18
CA ALA A 242 -7.32 17.20 10.93
C ALA A 242 -6.27 18.33 10.95
N ASP A 243 -5.26 18.22 11.82
CA ASP A 243 -4.20 19.23 12.03
C ASP A 243 -3.03 19.00 11.07
N ASN A 244 -3.18 18.08 10.09
CA ASN A 244 -2.14 17.73 9.07
C ASN A 244 -0.85 17.23 9.74
N ALA A 245 -0.90 16.80 11.01
CA ALA A 245 0.17 16.00 11.65
C ALA A 245 0.00 14.53 11.23
N LEU A 246 1.03 13.70 11.44
CA LEU A 246 0.94 12.21 11.34
C LEU A 246 0.43 11.66 12.67
N TRP A 247 -0.69 10.93 12.64
CA TRP A 247 -1.23 10.22 13.81
C TRP A 247 -1.10 8.70 13.62
N HIS A 248 -1.07 7.96 14.71
CA HIS A 248 -1.14 6.48 14.71
C HIS A 248 -1.91 5.97 15.92
N ILE A 249 -2.33 4.70 15.82
CA ILE A 249 -3.18 3.95 16.78
C ILE A 249 -2.85 2.46 16.56
N TRP A 250 -2.86 1.66 17.61
CA TRP A 250 -2.38 0.25 17.53
C TRP A 250 -3.18 -0.66 18.46
N GLN A 251 -3.22 -1.95 18.10
CA GLN A 251 -3.75 -3.04 18.95
C GLN A 251 -2.87 -3.18 20.20
N THR A 252 -3.46 -3.59 21.32
CA THR A 252 -2.75 -3.72 22.63
C THR A 252 -2.18 -5.14 22.78
N SER A 256 -6.60 -10.28 22.52
CA SER A 256 -8.06 -10.03 22.32
C SER A 256 -8.55 -8.85 23.17
N GLY A 257 -7.79 -7.75 23.23
CA GLY A 257 -8.13 -6.51 23.96
C GLY A 257 -8.28 -5.31 23.03
N PRO A 258 -8.49 -4.08 23.56
CA PRO A 258 -8.83 -2.90 22.74
C PRO A 258 -7.61 -2.19 22.13
N TRP A 259 -7.87 -1.21 21.26
CA TRP A 259 -6.80 -0.40 20.61
C TRP A 259 -6.31 0.68 21.58
N SER A 260 -5.13 1.24 21.32
CA SER A 260 -4.56 2.40 22.04
C SER A 260 -5.49 3.58 21.78
N GLY A 261 -5.20 4.74 22.37
CA GLY A 261 -5.75 6.00 21.83
C GLY A 261 -4.99 6.37 20.57
N TRP A 262 -5.53 7.28 19.78
CA TRP A 262 -4.79 8.06 18.76
C TRP A 262 -3.65 8.82 19.45
N GLN A 263 -2.44 8.74 18.89
CA GLN A 263 -1.26 9.50 19.36
C GLN A 263 -0.67 10.24 18.17
N SER A 264 -0.25 11.49 18.38
CA SER A 264 0.37 12.32 17.33
C SER A 264 1.87 12.01 17.27
N LEU A 265 2.41 11.89 16.05
CA LEU A 265 3.88 11.82 15.79
C LEU A 265 4.31 13.19 15.26
N ASN A 266 3.43 14.19 15.40
CA ASN A 266 3.72 15.59 15.03
C ASN A 266 3.98 15.64 13.52
N GLY A 267 4.89 16.53 13.10
CA GLY A 267 5.13 16.88 11.69
C GLY A 267 3.99 17.70 11.11
N VAL A 268 4.22 18.27 9.93
CA VAL A 268 3.20 18.90 9.05
C VAL A 268 3.41 18.31 7.66
N ILE A 269 2.46 17.50 7.17
CA ILE A 269 2.66 16.67 5.95
C ILE A 269 1.58 17.02 4.94
N THR A 270 1.96 16.97 3.67
CA THR A 270 1.20 17.44 2.48
C THR A 270 0.93 16.26 1.52
N SER A 271 1.15 15.03 1.98
CA SER A 271 0.83 13.78 1.24
C SER A 271 0.36 12.71 2.22
N ALA A 272 -0.20 11.64 1.68
CA ALA A 272 -0.36 10.37 2.41
C ALA A 272 0.99 10.00 3.03
N PRO A 273 0.98 9.36 4.22
CA PRO A 273 2.18 8.76 4.77
C PRO A 273 2.49 7.40 4.12
N ALA A 274 3.74 6.96 4.19
CA ALA A 274 4.18 5.58 3.91
C ALA A 274 4.95 5.05 5.12
N VAL A 275 4.81 3.75 5.43
CA VAL A 275 5.51 3.15 6.60
C VAL A 275 6.12 1.82 6.17
N ALA A 276 7.31 1.53 6.66
CA ALA A 276 8.04 0.26 6.41
C ALA A 276 8.81 -0.11 7.67
N LYS A 277 9.20 -1.38 7.77
CA LYS A 277 10.02 -1.88 8.89
C LYS A 277 11.47 -1.93 8.41
N ASN A 278 12.38 -1.39 9.22
CA ASN A 278 13.83 -1.65 9.14
C ASN A 278 14.05 -3.14 9.37
N CYS A 279 15.23 -3.66 9.06
CA CYS A 279 15.48 -5.13 9.16
C CYS A 279 15.54 -5.52 10.64
N ASP A 280 15.78 -4.57 11.55
CA ASP A 280 15.70 -4.78 13.02
C ASP A 280 14.26 -4.51 13.53
N ASN A 281 13.31 -4.31 12.62
CA ASN A 281 11.85 -4.20 12.87
C ASN A 281 11.44 -2.81 13.38
N ARG A 282 12.36 -1.83 13.48
CA ARG A 282 12.01 -0.42 13.83
C ARG A 282 11.12 0.16 12.74
N LEU A 283 9.93 0.66 13.10
CA LEU A 283 9.00 1.34 12.17
C LEU A 283 9.59 2.71 11.78
N GLU A 284 9.33 3.10 10.54
CA GLU A 284 9.85 4.35 9.93
C GLU A 284 8.76 4.87 9.00
N ALA A 285 8.32 6.11 9.23
CA ALA A 285 7.23 6.79 8.50
C ALA A 285 7.85 7.86 7.59
N PHE A 286 7.28 8.03 6.41
CA PHE A 286 7.71 8.95 5.33
C PHE A 286 6.50 9.74 4.84
N ALA A 287 6.70 11.01 4.52
CA ALA A 287 5.65 11.88 3.94
C ALA A 287 6.26 13.14 3.33
N ARG A 288 5.58 13.74 2.36
CA ARG A 288 5.95 15.07 1.82
C ARG A 288 5.66 16.11 2.91
N GLY A 289 6.59 17.02 3.14
CA GLY A 289 6.43 18.18 4.03
C GLY A 289 5.88 19.40 3.29
N THR A 290 5.75 20.52 4.00
CA THR A 290 5.23 21.81 3.49
C THR A 290 6.18 22.37 2.43
N ASP A 291 7.49 22.10 2.53
CA ASP A 291 8.52 22.50 1.52
C ASP A 291 8.56 21.52 0.34
N ASN A 292 7.64 20.54 0.28
CA ASN A 292 7.50 19.53 -0.80
C ASN A 292 8.75 18.65 -0.93
N ALA A 293 9.61 18.63 0.10
CA ALA A 293 10.70 17.63 0.26
C ALA A 293 10.15 16.39 0.98
N LEU A 294 10.90 15.30 0.93
CA LEU A 294 10.57 14.05 1.69
C LEU A 294 11.02 14.24 3.14
N TRP A 295 10.10 14.00 4.09
CA TRP A 295 10.40 13.95 5.54
C TRP A 295 10.14 12.55 6.08
N HIS A 296 10.89 12.15 7.11
CA HIS A 296 10.72 10.83 7.79
C HIS A 296 10.97 10.97 9.30
N THR A 297 10.28 10.13 10.08
CA THR A 297 10.46 9.91 11.54
C THR A 297 10.55 8.39 11.75
N TRP A 298 11.42 7.94 12.65
CA TRP A 298 11.66 6.49 12.91
C TRP A 298 11.70 6.20 14.40
N GLN A 299 11.27 4.99 14.78
CA GLN A 299 11.55 4.44 16.11
C GLN A 299 13.07 4.40 16.26
N THR A 300 13.58 4.74 17.43
CA THR A 300 15.04 4.73 17.75
C THR A 300 15.34 3.51 18.63
N VAL A 301 16.56 2.97 18.53
CA VAL A 301 17.15 1.97 19.46
C VAL A 301 16.58 0.57 19.17
N SER A 302 15.25 0.42 19.13
CA SER A 302 14.57 -0.89 18.91
C SER A 302 13.11 -0.66 18.49
N HIS A 303 12.45 -1.73 18.06
CA HIS A 303 11.02 -1.72 17.63
C HIS A 303 10.10 -1.32 18.81
N SER A 304 10.60 -1.31 20.05
CA SER A 304 9.85 -0.83 21.24
C SER A 304 10.12 0.67 21.49
N GLY A 305 11.03 1.27 20.73
CA GLY A 305 11.68 2.55 21.08
C GLY A 305 10.81 3.78 20.79
N PRO A 306 11.20 4.96 21.33
CA PRO A 306 10.52 6.22 21.04
C PRO A 306 10.84 6.72 19.63
N TRP A 307 9.94 7.53 19.06
CA TRP A 307 10.05 8.05 17.68
C TRP A 307 11.01 9.26 17.65
N SER A 308 11.78 9.38 16.58
CA SER A 308 12.74 10.49 16.37
C SER A 308 11.95 11.76 16.05
N SER A 309 12.61 12.93 16.14
CA SER A 309 12.11 14.17 15.50
C SER A 309 12.14 13.97 13.99
N TRP A 310 11.24 14.62 13.27
CA TRP A 310 11.19 14.61 11.78
C TRP A 310 12.49 15.20 11.23
N GLN A 311 13.01 14.62 10.14
CA GLN A 311 14.25 15.04 9.44
C GLN A 311 14.03 14.98 7.93
N SER A 312 14.77 15.77 7.15
CA SER A 312 14.56 15.92 5.69
C SER A 312 15.48 14.99 4.91
N LEU A 313 14.95 14.36 3.87
CA LEU A 313 15.69 13.55 2.86
C LEU A 313 15.70 14.33 1.53
N ASN A 314 15.33 15.63 1.59
CA ASN A 314 15.42 16.59 0.46
C ASN A 314 14.52 16.12 -0.68
N GLY A 315 14.93 16.45 -1.92
CA GLY A 315 14.13 16.29 -3.14
C GLY A 315 12.97 17.26 -3.15
N VAL A 316 12.31 17.36 -4.30
CA VAL A 316 11.01 18.06 -4.48
C VAL A 316 10.08 17.07 -5.16
N ILE A 317 8.98 16.68 -4.49
CA ILE A 317 8.16 15.50 -4.92
C ILE A 317 6.70 15.92 -5.14
N THR A 318 6.05 15.21 -6.07
CA THR A 318 4.70 15.50 -6.58
C THR A 318 3.81 14.27 -6.36
N SER A 319 4.13 13.48 -5.33
CA SER A 319 3.41 12.26 -4.91
C SER A 319 3.72 12.00 -3.44
N ALA A 320 2.89 11.20 -2.76
CA ALA A 320 3.30 10.56 -1.49
C ALA A 320 4.52 9.70 -1.79
N PRO A 321 5.42 9.47 -0.82
CA PRO A 321 6.52 8.52 -1.00
C PRO A 321 6.00 7.09 -0.88
N THR A 322 6.73 6.14 -1.45
CA THR A 322 6.46 4.69 -1.32
C THR A 322 7.73 4.06 -0.76
N ALA A 323 7.64 3.43 0.43
CA ALA A 323 8.77 2.87 1.20
C ALA A 323 8.71 1.35 1.18
N VAL A 324 9.86 0.70 1.03
CA VAL A 324 9.98 -0.79 1.03
C VAL A 324 11.38 -1.16 1.52
N ARG A 325 11.49 -2.31 2.16
CA ARG A 325 12.78 -2.88 2.61
C ARG A 325 13.30 -3.81 1.52
N ASP A 326 14.53 -3.61 1.07
CA ASP A 326 15.14 -4.42 -0.01
C ASP A 326 15.82 -5.67 0.60
N ALA A 327 16.44 -6.49 -0.24
CA ALA A 327 17.04 -7.80 0.14
C ALA A 327 18.35 -7.61 0.92
N ASP A 328 18.87 -6.39 1.03
CA ASP A 328 20.04 -6.07 1.88
C ASP A 328 19.54 -5.53 3.23
N GLY A 329 18.23 -5.51 3.45
CA GLY A 329 17.62 -5.04 4.71
C GLY A 329 17.68 -3.52 4.84
N ARG A 330 17.82 -2.81 3.71
CA ARG A 330 17.82 -1.33 3.64
C ARG A 330 16.48 -0.83 3.13
N LEU A 331 16.02 0.30 3.66
CA LEU A 331 14.83 1.01 3.14
C LEU A 331 15.23 1.73 1.84
N GLU A 332 14.35 1.63 0.84
CA GLU A 332 14.39 2.39 -0.43
C GLU A 332 13.06 3.13 -0.53
N VAL A 333 13.10 4.41 -0.96
CA VAL A 333 11.89 5.26 -1.05
C VAL A 333 11.77 5.83 -2.47
N PHE A 334 10.59 5.66 -3.07
CA PHE A 334 10.23 6.16 -4.41
C PHE A 334 9.25 7.33 -4.27
N ALA A 335 9.35 8.31 -5.14
CA ALA A 335 8.38 9.43 -5.24
C ALA A 335 8.46 10.04 -6.63
N ARG A 336 7.35 10.56 -7.13
CA ARG A 336 7.33 11.29 -8.42
C ARG A 336 8.06 12.63 -8.22
N GLY A 337 8.83 13.04 -9.22
CA GLY A 337 9.58 14.30 -9.22
C GLY A 337 8.79 15.40 -9.89
N THR A 338 9.34 16.61 -9.93
CA THR A 338 8.75 17.80 -10.60
C THR A 338 8.60 17.50 -12.10
N ASP A 339 9.49 16.67 -12.66
CA ASP A 339 9.50 16.25 -14.10
C ASP A 339 8.53 15.09 -14.34
N ASN A 340 7.85 14.59 -13.30
CA ASN A 340 6.86 13.49 -13.36
C ASN A 340 7.55 12.13 -13.56
N ALA A 341 8.88 12.09 -13.46
CA ALA A 341 9.67 10.84 -13.40
C ALA A 341 9.57 10.28 -11.98
N LEU A 342 9.82 8.97 -11.83
CA LEU A 342 9.99 8.35 -10.48
C LEU A 342 11.44 8.52 -10.05
N TRP A 343 11.66 9.07 -8.85
CA TRP A 343 12.99 9.21 -8.22
C TRP A 343 13.10 8.28 -7.02
N LEU A 344 14.34 7.98 -6.60
CA LEU A 344 14.68 6.91 -5.63
C LEU A 344 15.85 7.36 -4.75
N THR A 345 15.69 7.24 -3.43
CA THR A 345 16.72 7.42 -2.39
C THR A 345 16.64 6.22 -1.43
N TRP A 346 17.77 5.80 -0.85
CA TRP A 346 17.86 4.62 0.03
C TRP A 346 18.81 4.89 1.20
N GLN A 347 18.68 4.11 2.28
CA GLN A 347 19.56 4.17 3.48
C GLN A 347 20.99 3.80 3.10
N THR A 348 21.97 4.47 3.71
CA THR A 348 23.42 4.11 3.71
C THR A 348 23.86 3.95 5.16
N ALA A 349 25.11 3.54 5.39
CA ALA A 349 25.68 3.34 6.75
C ALA A 349 25.36 4.56 7.61
N SER A 350 25.66 5.76 7.08
CA SER A 350 25.69 7.05 7.81
C SER A 350 24.36 7.81 7.65
N SER A 351 23.75 7.76 6.46
CA SER A 351 22.75 8.73 6.00
C SER A 351 21.80 8.10 4.97
N TRP A 352 21.43 8.84 3.91
CA TRP A 352 20.65 8.37 2.74
C TRP A 352 21.33 8.82 1.45
N SER A 353 21.15 8.04 0.37
CA SER A 353 21.72 8.31 -0.98
C SER A 353 21.09 9.58 -1.57
N PRO A 354 21.80 10.32 -2.46
CA PRO A 354 21.20 11.42 -3.20
C PRO A 354 20.07 10.85 -4.07
N TRP A 355 19.01 11.63 -4.31
CA TRP A 355 17.91 11.20 -5.22
C TRP A 355 18.49 10.89 -6.60
N ILE A 356 18.20 9.71 -7.15
CA ILE A 356 18.45 9.39 -8.58
C ILE A 356 17.10 9.21 -9.28
N SER A 357 17.08 9.42 -10.60
CA SER A 357 15.88 9.29 -11.46
C SER A 357 15.83 7.91 -12.09
N LEU A 358 14.64 7.27 -12.08
CA LEU A 358 14.36 6.02 -12.84
C LEU A 358 13.54 6.36 -14.09
N GLY A 359 13.43 7.64 -14.42
CA GLY A 359 12.73 8.14 -15.62
C GLY A 359 11.24 7.88 -15.59
N GLY A 360 10.65 7.74 -16.78
CA GLY A 360 9.21 7.54 -17.01
C GLY A 360 8.43 8.83 -16.83
N VAL A 361 7.13 8.78 -17.12
CA VAL A 361 6.14 9.86 -16.85
C VAL A 361 4.94 9.22 -16.17
N LEU A 362 4.75 9.47 -14.88
CA LEU A 362 3.72 8.78 -14.05
C LEU A 362 2.57 9.74 -13.75
N ILE A 363 1.35 9.22 -13.79
CA ILE A 363 0.11 9.95 -13.39
C ILE A 363 -0.46 9.31 -12.12
N ASP A 364 -1.17 10.10 -11.31
CA ASP A 364 -1.93 9.60 -10.15
C ASP A 364 -3.31 9.15 -10.65
N ALA A 365 -3.53 7.84 -10.77
CA ALA A 365 -4.79 7.24 -11.27
C ALA A 365 -5.69 6.78 -10.11
N SER A 366 -5.34 7.11 -8.86
CA SER A 366 -6.14 6.77 -7.65
C SER A 366 -7.62 7.00 -7.94
N ALA A 367 -8.46 5.97 -7.77
CA ALA A 367 -9.93 6.04 -7.96
C ALA A 367 -10.55 6.99 -6.93
N ILE A 368 -9.85 7.26 -5.81
CA ILE A 368 -10.27 8.25 -4.79
C ILE A 368 -9.15 9.27 -4.62
N LYS A 369 -9.49 10.57 -4.66
CA LYS A 369 -8.55 11.70 -4.51
C LYS A 369 -9.16 12.77 -3.59
C1 EDO B . -7.85 -3.96 -19.80
O1 EDO B . -8.53 -3.43 -20.92
C2 EDO B . -8.22 -3.31 -18.51
O2 EDO B . -7.09 -2.92 -17.73
C1 RM4 C . -9.49 -7.55 16.13
C2 RM4 C . -9.85 -6.05 16.12
C3 RM4 C . -10.36 -5.69 17.52
C4 RM4 C . -9.33 -6.10 18.54
C5 RM4 C . -8.88 -7.56 18.41
C6 RM4 C . -7.71 -7.92 19.32
O1 RM4 C . -8.99 -7.98 14.88
O2 RM4 C . -8.72 -5.26 15.77
O3 RM4 C . -10.58 -4.28 17.65
O4 RM4 C . -9.90 -5.85 19.82
O5 RM4 C . -8.46 -7.81 17.07
C1 RM4 D . 17.26 5.01 10.35
C2 RM4 D . 16.95 6.28 9.56
C3 RM4 D . 18.25 7.07 9.41
C4 RM4 D . 19.36 6.21 8.87
C5 RM4 D . 19.49 4.93 9.66
C6 RM4 D . 20.55 4.00 9.05
O1 RM4 D . 16.09 4.22 10.52
O2 RM4 D . 16.39 5.95 8.27
O3 RM4 D . 18.03 8.15 8.51
O4 RM4 D . 20.59 6.94 8.90
O5 RM4 D . 18.22 4.27 9.64
C1 EDO E . 6.63 5.13 -18.88
O1 EDO E . 6.24 5.25 -17.52
C2 EDO E . 6.12 6.22 -19.73
O2 EDO E . 6.50 6.12 -21.09
NA NA F . -6.94 -15.70 6.68
NA NA G . -2.45 -8.85 15.21
NA NA H . 14.35 12.47 -14.71
NA NA I . -2.23 -3.81 3.09
CL CL J . -21.63 -3.64 10.20
CL CL K . 24.85 -1.33 -13.87
CL CL L . -1.80 19.40 1.87
#